data_5BUP
#
_entry.id   5BUP
#
_cell.length_a   105.210
_cell.length_b   105.210
_cell.length_c   40.550
_cell.angle_alpha   90.00
_cell.angle_beta   90.00
_cell.angle_gamma   120.00
#
_symmetry.space_group_name_H-M   'P 61'
#
loop_
_entity.id
_entity.type
_entity.pdbx_description
1 polymer 'Zona pellucida sperm-binding protein 2'
2 non-polymer 'ACETATE ION'
3 water water
#
_entity_poly.entity_id   1
_entity_poly.type   'polypeptide(L)'
_entity_poly.pdbx_seq_one_letter_code
;ETGDSMLLNAHVKGHPSPEAFVKPGPLVLVLQTYPDQSYQRPYRKDEYPLVRYLRQPIYMEVKVLSRNDPNIKLVLDDCW
ATSSEDPASAPQWQIVMDGCEYELDNYRTTFHPAGSSAAHSGHYQRFDVKTFAFVSEARGLSSLIYFHCSALICNQVSLD
SPLCSVTCPASLRSNAEANKEDTMTVSLPGPILLLSDVSSSKGVDLEHHHHHH
;
_entity_poly.pdbx_strand_id   A
#
loop_
_chem_comp.id
_chem_comp.type
_chem_comp.name
_chem_comp.formula
ACT non-polymer 'ACETATE ION' 'C2 H3 O2 -1'
#
# COMPACT_ATOMS: atom_id res chain seq x y z
N PRO A 26 13.20 -15.01 8.39
CA PRO A 26 12.00 -14.26 7.98
C PRO A 26 12.31 -12.82 7.61
N LEU A 27 11.74 -12.34 6.50
CA LEU A 27 11.86 -10.94 6.11
C LEU A 27 10.65 -10.19 6.64
N VAL A 28 10.84 -8.93 7.03
CA VAL A 28 9.78 -8.17 7.67
C VAL A 28 9.44 -6.90 6.87
N LEU A 29 8.14 -6.66 6.71
CA LEU A 29 7.66 -5.55 5.92
C LEU A 29 7.03 -4.48 6.80
N VAL A 30 7.10 -3.23 6.35
CA VAL A 30 6.40 -2.15 7.01
C VAL A 30 5.72 -1.21 6.02
N LEU A 31 4.67 -0.56 6.50
CA LEU A 31 3.96 0.46 5.75
C LEU A 31 4.19 1.82 6.41
N GLN A 32 4.72 2.77 5.63
CA GLN A 32 5.05 4.07 6.17
C GLN A 32 4.51 5.21 5.31
N THR A 33 4.42 6.38 5.92
CA THR A 33 4.06 7.60 5.22
C THR A 33 5.20 8.58 5.29
N TYR A 34 5.37 9.35 4.22
CA TYR A 34 6.40 10.37 4.15
C TYR A 34 5.76 11.73 3.94
N PRO A 35 6.43 12.81 4.37
CA PRO A 35 5.88 14.16 4.28
C PRO A 35 5.63 14.64 2.84
N ASP A 36 6.46 14.22 1.90
CA ASP A 36 6.33 14.71 0.52
C ASP A 36 6.96 13.73 -0.46
N GLN A 37 6.90 14.08 -1.75
CA GLN A 37 7.34 13.19 -2.82
C GLN A 37 8.85 12.95 -2.83
N SER A 38 9.60 13.67 -2.00
CA SER A 38 11.04 13.46 -1.93
C SER A 38 11.42 12.17 -1.20
N TYR A 39 10.48 11.62 -0.43
CA TYR A 39 10.71 10.42 0.37
C TYR A 39 12.01 10.45 1.21
N GLN A 40 12.24 11.56 1.90
CA GLN A 40 13.49 11.72 2.64
C GLN A 40 13.48 10.96 3.97
N ARG A 41 12.41 11.10 4.73
CA ARG A 41 12.24 10.36 5.98
C ARG A 41 10.75 10.08 6.24
N PRO A 42 10.44 8.95 6.89
CA PRO A 42 9.04 8.65 7.21
C PRO A 42 8.53 9.36 8.46
N TYR A 43 7.22 9.59 8.52
CA TYR A 43 6.56 10.02 9.75
C TYR A 43 6.73 8.95 10.81
N ARG A 44 6.91 9.36 12.06
CA ARG A 44 6.96 8.39 13.15
C ARG A 44 5.66 8.43 13.94
N LYS A 45 5.50 7.51 14.88
CA LYS A 45 4.21 7.29 15.53
C LYS A 45 3.65 8.56 16.17
N ASP A 46 4.50 9.30 16.88
CA ASP A 46 4.01 10.44 17.65
C ASP A 46 3.57 11.61 16.77
N GLU A 47 3.81 11.51 15.46
CA GLU A 47 3.31 12.53 14.53
C GLU A 47 1.92 12.18 14.00
N TYR A 48 1.45 10.96 14.29
CA TYR A 48 0.09 10.58 13.92
C TYR A 48 -0.85 11.07 15.02
N PRO A 49 -2.15 11.24 14.69
CA PRO A 49 -2.74 11.11 13.36
C PRO A 49 -2.30 12.22 12.41
N LEU A 50 -2.03 11.86 11.16
CA LEU A 50 -1.72 12.86 10.16
C LEU A 50 -3.00 13.58 9.78
N VAL A 51 -2.85 14.78 9.22
CA VAL A 51 -3.99 15.53 8.75
C VAL A 51 -3.84 15.79 7.25
N ARG A 52 -4.81 15.32 6.47
CA ARG A 52 -4.79 15.54 5.03
C ARG A 52 -6.14 16.00 4.48
N TYR A 53 -6.10 16.64 3.33
CA TYR A 53 -7.29 17.15 2.68
C TYR A 53 -7.67 16.26 1.51
N LEU A 54 -8.96 16.20 1.21
CA LEU A 54 -9.44 15.49 0.04
C LEU A 54 -8.64 15.93 -1.19
N ARG A 55 -8.28 14.96 -2.01
CA ARG A 55 -7.59 15.18 -3.28
C ARG A 55 -6.10 15.52 -3.09
N GLN A 56 -5.66 15.64 -1.85
CA GLN A 56 -4.24 15.83 -1.59
C GLN A 56 -3.50 14.48 -1.59
N PRO A 57 -2.33 14.40 -2.26
CA PRO A 57 -1.58 13.14 -2.26
C PRO A 57 -1.03 12.76 -0.89
N ILE A 58 -1.18 11.50 -0.52
CA ILE A 58 -0.56 10.97 0.69
C ILE A 58 0.52 9.99 0.28
N TYR A 59 1.76 10.32 0.60
CA TYR A 59 2.90 9.58 0.09
C TYR A 59 3.24 8.42 1.01
N MET A 60 3.04 7.23 0.48
CA MET A 60 3.21 6.01 1.24
C MET A 60 4.26 5.09 0.62
N GLU A 61 4.79 4.22 1.46
CA GLU A 61 5.79 3.26 1.04
C GLU A 61 5.60 1.94 1.77
N VAL A 62 5.70 0.84 1.04
CA VAL A 62 5.83 -0.46 1.68
C VAL A 62 7.27 -0.90 1.53
N LYS A 63 7.93 -1.15 2.65
CA LYS A 63 9.36 -1.45 2.65
C LYS A 63 9.72 -2.76 3.34
N VAL A 64 10.73 -3.43 2.80
CA VAL A 64 11.33 -4.60 3.44
C VAL A 64 12.47 -4.13 4.34
N LEU A 65 12.52 -4.65 5.55
CA LEU A 65 13.65 -4.39 6.44
C LEU A 65 14.64 -5.53 6.28
N SER A 66 15.78 -5.23 5.68
CA SER A 66 16.73 -6.27 5.27
C SER A 66 18.02 -6.21 6.08
N ASN A 68 20.66 -7.87 3.84
CA ASN A 68 20.51 -7.08 2.61
C ASN A 68 20.64 -7.97 1.38
N ASP A 69 19.51 -8.23 0.71
CA ASP A 69 19.49 -9.12 -0.44
C ASP A 69 19.10 -8.36 -1.72
N PRO A 70 20.02 -8.26 -2.69
CA PRO A 70 19.72 -7.51 -3.92
C PRO A 70 18.71 -8.20 -4.83
N ASN A 71 18.65 -9.52 -4.75
CA ASN A 71 17.78 -10.29 -5.64
C ASN A 71 16.30 -9.99 -5.46
N ILE A 72 15.88 -9.76 -4.23
CA ILE A 72 14.46 -9.69 -3.89
C ILE A 72 13.74 -8.46 -4.43
N LYS A 73 12.48 -8.64 -4.82
CA LYS A 73 11.64 -7.54 -5.29
C LYS A 73 10.29 -7.53 -4.59
N LEU A 74 10.02 -6.44 -3.86
CA LEU A 74 8.78 -6.29 -3.11
C LEU A 74 7.64 -5.92 -4.04
N VAL A 75 6.47 -6.53 -3.84
CA VAL A 75 5.30 -6.14 -4.61
C VAL A 75 4.05 -6.16 -3.74
N LEU A 76 3.12 -5.27 -4.08
CA LEU A 76 1.85 -5.16 -3.40
C LEU A 76 0.88 -6.20 -3.87
N ASP A 77 -0.05 -6.55 -2.99
CA ASP A 77 -1.23 -7.29 -3.40
C ASP A 77 -2.43 -6.36 -3.32
N ASP A 78 -2.91 -6.10 -2.11
CA ASP A 78 -4.04 -5.20 -1.91
C ASP A 78 -3.64 -4.04 -1.01
N CYS A 79 -4.28 -2.89 -1.23
CA CYS A 79 -4.27 -1.84 -0.21
C CYS A 79 -5.67 -1.36 -0.03
N TRP A 80 -6.04 -1.09 1.22
CA TRP A 80 -7.39 -0.67 1.52
C TRP A 80 -7.42 0.16 2.79
N ALA A 81 -8.53 0.87 2.96
CA ALA A 81 -8.75 1.71 4.13
C ALA A 81 -9.96 1.24 4.93
N THR A 82 -9.88 1.42 6.24
CA THR A 82 -10.97 1.14 7.16
C THR A 82 -11.26 2.39 8.00
N SER A 83 -12.42 2.44 8.63
CA SER A 83 -12.73 3.54 9.55
C SER A 83 -12.47 3.17 11.00
N SER A 84 -12.08 1.92 11.22
CA SER A 84 -11.63 1.48 12.52
C SER A 84 -10.24 0.88 12.37
N GLU A 85 -9.52 0.76 13.48
CA GLU A 85 -8.12 0.32 13.45
C GLU A 85 -7.96 -1.08 12.83
N ASP A 86 -8.94 -1.95 13.05
CA ASP A 86 -8.84 -3.35 12.64
C ASP A 86 -8.85 -3.49 11.11
N PRO A 87 -7.77 -4.03 10.53
CA PRO A 87 -7.72 -4.12 9.07
C PRO A 87 -8.84 -5.00 8.52
N ALA A 88 -9.41 -5.84 9.37
CA ALA A 88 -10.49 -6.74 8.97
C ALA A 88 -11.87 -6.14 9.14
N SER A 89 -11.97 -4.97 9.76
CA SER A 89 -13.26 -4.37 10.05
C SER A 89 -13.94 -3.78 8.82
N ALA A 90 -15.26 -3.64 8.90
CA ALA A 90 -16.03 -3.01 7.85
C ALA A 90 -16.64 -1.73 8.39
N PRO A 91 -16.86 -0.74 7.52
CA PRO A 91 -16.66 -0.75 6.05
C PRO A 91 -15.20 -0.69 5.62
N GLN A 92 -14.98 -1.01 4.35
CA GLN A 92 -13.68 -0.91 3.73
C GLN A 92 -13.75 -0.15 2.42
N TRP A 93 -12.69 0.55 2.06
CA TRP A 93 -12.54 1.13 0.74
C TRP A 93 -11.29 0.58 0.09
N GLN A 94 -11.45 -0.04 -1.07
CA GLN A 94 -10.33 -0.63 -1.79
C GLN A 94 -9.51 0.45 -2.49
N ILE A 95 -8.19 0.43 -2.28
CA ILE A 95 -7.27 1.36 -2.92
C ILE A 95 -6.44 0.69 -4.01
N VAL A 96 -5.91 -0.49 -3.68
CA VAL A 96 -5.11 -1.27 -4.61
C VAL A 96 -5.62 -2.70 -4.61
N MET A 97 -5.75 -3.30 -5.78
CA MET A 97 -6.22 -4.67 -5.88
C MET A 97 -5.36 -5.47 -6.84
N ASP A 98 -4.78 -6.56 -6.35
CA ASP A 98 -3.99 -7.44 -7.18
C ASP A 98 -2.88 -6.67 -7.90
N GLY A 99 -2.21 -5.81 -7.15
CA GLY A 99 -1.06 -5.08 -7.65
C GLY A 99 -1.38 -3.81 -8.42
N CYS A 100 -2.66 -3.56 -8.69
CA CYS A 100 -3.03 -2.41 -9.52
C CYS A 100 -3.95 -1.41 -8.81
N GLU A 101 -3.89 -0.16 -9.26
CA GLU A 101 -4.79 0.87 -8.79
C GLU A 101 -6.26 0.45 -8.91
N TYR A 102 -7.01 0.67 -7.83
CA TYR A 102 -8.44 0.40 -7.82
C TYR A 102 -9.20 1.69 -7.51
N GLU A 103 -9.91 2.22 -8.51
CA GLU A 103 -10.54 3.53 -8.40
C GLU A 103 -12.02 3.51 -8.01
N LEU A 104 -12.60 2.32 -7.93
CA LEU A 104 -14.06 2.20 -7.79
C LEU A 104 -14.55 2.61 -6.40
N ASP A 105 -13.67 2.55 -5.42
CA ASP A 105 -13.98 2.90 -4.03
C ASP A 105 -13.63 4.36 -3.72
N ASN A 106 -13.41 5.15 -4.77
CA ASN A 106 -13.11 6.59 -4.67
C ASN A 106 -11.73 6.94 -4.15
N TYR A 107 -10.74 6.15 -4.56
CA TYR A 107 -9.33 6.44 -4.25
C TYR A 107 -8.51 6.39 -5.53
N ARG A 108 -7.58 7.34 -5.69
CA ARG A 108 -6.65 7.30 -6.81
C ARG A 108 -5.25 7.01 -6.30
N THR A 109 -4.57 6.08 -6.96
CA THR A 109 -3.22 5.72 -6.56
C THR A 109 -2.25 5.97 -7.70
N THR A 110 -1.11 6.57 -7.35
CA THR A 110 -0.03 6.80 -8.30
C THR A 110 1.27 6.19 -7.78
N PHE A 111 1.86 5.31 -8.58
CA PHE A 111 3.12 4.69 -8.21
C PHE A 111 4.32 5.61 -8.46
N HIS A 112 5.37 5.41 -7.67
CA HIS A 112 6.57 6.22 -7.78
C HIS A 112 7.82 5.34 -7.87
N PRO A 113 8.13 4.86 -9.08
CA PRO A 113 9.35 4.07 -9.27
C PRO A 113 10.58 4.85 -8.86
N ALA A 114 11.63 4.15 -8.43
CA ALA A 114 12.89 4.79 -8.10
C ALA A 114 13.77 4.90 -9.35
N GLY A 115 14.43 6.03 -9.53
CA GLY A 115 15.27 6.25 -10.69
C GLY A 115 16.73 5.96 -10.41
N ALA A 119 19.87 2.12 -6.03
CA ALA A 119 20.30 0.85 -5.45
C ALA A 119 19.21 0.27 -4.56
N HIS A 120 19.08 -1.06 -4.58
CA HIS A 120 18.10 -1.75 -3.76
C HIS A 120 16.70 -1.24 -4.06
N SER A 121 16.46 -0.90 -5.32
CA SER A 121 15.19 -0.32 -5.72
C SER A 121 14.03 -1.28 -5.46
N GLY A 122 14.31 -2.57 -5.49
CA GLY A 122 13.27 -3.58 -5.34
C GLY A 122 12.90 -3.88 -3.90
N HIS A 123 13.55 -3.20 -2.96
CA HIS A 123 13.30 -3.43 -1.54
C HIS A 123 12.09 -2.64 -1.06
N TYR A 124 11.51 -1.82 -1.92
CA TYR A 124 10.37 -1.00 -1.51
C TYR A 124 9.44 -0.68 -2.67
N GLN A 125 8.17 -0.42 -2.33
CA GLN A 125 7.21 0.09 -3.29
C GLN A 125 6.62 1.40 -2.78
N ARG A 126 6.92 2.48 -3.48
CA ARG A 126 6.39 3.80 -3.13
C ARG A 126 5.20 4.13 -4.00
N PHE A 127 4.18 4.73 -3.38
CA PHE A 127 3.00 5.16 -4.08
C PHE A 127 2.34 6.27 -3.28
N ASP A 128 1.60 7.16 -3.96
CA ASP A 128 0.77 8.11 -3.23
C ASP A 128 -0.70 7.81 -3.48
N VAL A 129 -1.51 8.07 -2.45
CA VAL A 129 -2.95 7.85 -2.58
C VAL A 129 -3.71 9.18 -2.40
N LYS A 130 -4.78 9.33 -3.17
CA LYS A 130 -5.64 10.51 -3.12
C LYS A 130 -7.10 10.11 -2.87
N THR A 131 -7.75 10.81 -1.93
CA THR A 131 -9.14 10.54 -1.56
C THR A 131 -10.12 11.52 -2.20
N PHE A 132 -11.27 10.99 -2.61
CA PHE A 132 -12.35 11.80 -3.15
C PHE A 132 -13.64 11.52 -2.40
N SER A 142 -14.76 15.88 7.74
CA SER A 142 -13.82 15.41 8.76
C SER A 142 -14.01 13.92 9.04
N SER A 143 -13.06 13.08 8.58
CA SER A 143 -13.17 11.64 8.79
C SER A 143 -11.85 10.94 9.09
N LEU A 144 -11.86 10.04 10.08
CA LEU A 144 -10.64 9.36 10.52
C LEU A 144 -10.48 8.00 9.82
N ILE A 145 -9.35 7.83 9.14
CA ILE A 145 -9.15 6.69 8.26
C ILE A 145 -7.87 5.93 8.56
N TYR A 146 -7.97 4.60 8.54
CA TYR A 146 -6.82 3.73 8.76
C TYR A 146 -6.45 3.02 7.46
N PHE A 147 -5.15 2.99 7.17
CA PHE A 147 -4.67 2.45 5.91
C PHE A 147 -3.87 1.17 6.11
N HIS A 148 -4.12 0.19 5.24
CA HIS A 148 -3.40 -1.07 5.28
C HIS A 148 -3.07 -1.56 3.88
N CYS A 149 -1.99 -2.33 3.79
CA CYS A 149 -1.68 -3.05 2.55
C CYS A 149 -1.30 -4.49 2.86
N SER A 150 -1.48 -5.34 1.87
CA SER A 150 -0.91 -6.68 1.89
C SER A 150 0.20 -6.74 0.85
N ALA A 151 1.30 -7.40 1.17
CA ALA A 151 2.41 -7.43 0.24
C ALA A 151 3.24 -8.70 0.36
N LEU A 152 4.04 -8.95 -0.68
CA LEU A 152 4.91 -10.12 -0.68
C LEU A 152 6.18 -9.87 -1.49
N ILE A 153 7.13 -10.78 -1.32
CA ILE A 153 8.44 -10.66 -1.94
C ILE A 153 8.66 -11.64 -3.09
N CYS A 154 9.34 -11.16 -4.13
CA CYS A 154 9.64 -11.95 -5.31
C CYS A 154 11.12 -12.26 -5.39
N ASN A 155 11.45 -13.53 -5.54
CA ASN A 155 12.84 -13.98 -5.64
C ASN A 155 13.31 -14.24 -7.07
N GLN A 156 12.47 -13.92 -8.05
CA GLN A 156 12.74 -14.22 -9.46
C GLN A 156 12.88 -15.73 -9.69
N VAL A 157 11.99 -16.50 -9.06
CA VAL A 157 11.95 -17.94 -9.24
C VAL A 157 10.58 -18.37 -9.76
N SER A 158 10.53 -19.55 -10.38
CA SER A 158 9.28 -20.06 -10.95
C SER A 158 8.18 -20.07 -9.90
N LEU A 159 8.58 -20.16 -8.63
CA LEU A 159 7.63 -20.25 -7.53
C LEU A 159 7.08 -18.87 -7.14
N ASP A 160 7.61 -17.82 -7.76
CA ASP A 160 7.14 -16.46 -7.51
C ASP A 160 5.63 -16.35 -7.73
N SER A 161 4.99 -15.54 -6.89
CA SER A 161 3.58 -15.28 -7.03
C SER A 161 3.23 -14.71 -8.40
N PRO A 162 2.00 -14.92 -8.87
CA PRO A 162 1.51 -14.20 -10.05
C PRO A 162 1.60 -12.68 -9.86
N LEU A 163 1.54 -12.22 -8.62
CA LEU A 163 1.62 -10.79 -8.32
C LEU A 163 3.00 -10.23 -8.61
N CYS A 164 3.95 -11.09 -8.91
CA CYS A 164 5.32 -10.67 -9.18
C CYS A 164 5.48 -10.11 -10.60
N SER A 165 4.61 -10.57 -11.50
CA SER A 165 4.50 -9.94 -12.80
C SER A 165 3.03 -9.77 -13.11
N VAL A 166 2.58 -8.52 -13.16
CA VAL A 166 1.16 -8.24 -13.33
C VAL A 166 0.94 -7.27 -14.49
N THR A 167 -0.30 -7.27 -15.00
CA THR A 167 -0.71 -6.31 -16.00
C THR A 167 -1.74 -5.40 -15.39
N CYS A 168 -1.55 -4.09 -15.53
CA CYS A 168 -2.51 -3.12 -15.01
C CYS A 168 -3.15 -2.36 -16.17
N PRO A 169 -4.43 -1.99 -16.03
CA PRO A 169 -5.30 -2.22 -14.88
C PRO A 169 -5.68 -3.68 -14.68
N ALA A 170 -5.99 -4.04 -13.44
CA ALA A 170 -6.31 -5.42 -13.09
C ALA A 170 -7.76 -5.74 -13.41
N SER A 171 -7.99 -6.93 -13.96
CA SER A 171 -9.34 -7.38 -14.24
C SER A 171 -10.05 -7.74 -12.94
N LEU A 172 -11.34 -7.43 -12.88
CA LEU A 172 -12.16 -7.76 -11.71
C LEU A 172 -12.23 -9.28 -11.55
N ARG A 173 -12.26 -9.73 -10.29
CA ARG A 173 -12.27 -11.15 -9.99
C ARG A 173 -13.66 -11.78 -10.17
N SER A 174 -13.69 -13.03 -10.60
CA SER A 174 -14.93 -13.79 -10.61
C SER A 174 -15.26 -14.25 -9.19
N ASN A 175 -16.32 -15.04 -9.06
CA ASN A 175 -16.70 -15.61 -7.77
C ASN A 175 -15.67 -16.63 -7.28
N ALA A 176 -15.19 -17.44 -8.22
CA ALA A 176 -14.20 -18.47 -7.91
C ALA A 176 -12.78 -17.93 -7.88
N GLU A 177 -12.58 -16.81 -8.55
CA GLU A 177 -11.23 -16.28 -8.73
C GLU A 177 -10.65 -15.80 -7.42
N ALA A 178 -11.53 -15.53 -6.45
CA ALA A 178 -11.10 -15.05 -5.15
C ALA A 178 -10.07 -16.02 -4.56
N ASN A 179 -8.93 -15.49 -4.17
CA ASN A 179 -7.86 -16.30 -3.59
C ASN A 179 -6.91 -15.44 -2.78
N LYS A 180 -6.15 -16.09 -1.89
CA LYS A 180 -5.19 -15.38 -1.07
C LYS A 180 -3.77 -15.88 -1.37
N GLU A 181 -2.91 -14.96 -1.79
CA GLU A 181 -1.50 -15.27 -1.95
C GLU A 181 -0.87 -15.31 -0.55
N ASP A 182 0.41 -15.64 -0.47
CA ASP A 182 1.04 -15.69 0.83
C ASP A 182 1.64 -14.31 1.06
N THR A 183 0.96 -13.52 1.88
CA THR A 183 1.26 -12.11 2.01
C THR A 183 1.30 -11.68 3.46
N MET A 184 2.04 -10.62 3.72
CA MET A 184 2.01 -10.00 5.01
C MET A 184 1.14 -8.75 4.91
N THR A 185 0.31 -8.55 5.94
CA THR A 185 -0.47 -7.35 6.08
C THR A 185 0.30 -6.34 6.93
N VAL A 186 0.39 -5.12 6.42
CA VAL A 186 1.03 -4.03 7.14
C VAL A 186 0.09 -2.83 7.24
N SER A 187 0.18 -2.14 8.37
CA SER A 187 -0.64 -0.96 8.64
C SER A 187 0.22 0.20 9.10
N LEU A 188 -0.32 1.40 8.99
CA LEU A 188 0.35 2.57 9.50
C LEU A 188 0.30 2.57 11.02
N PRO A 189 1.24 3.28 11.66
CA PRO A 189 1.29 3.41 13.13
C PRO A 189 0.06 4.10 13.70
N GLY A 190 -0.65 4.84 12.85
CA GLY A 190 -1.81 5.59 13.28
C GLY A 190 -2.70 5.99 12.11
N PRO A 191 -3.87 6.56 12.42
CA PRO A 191 -4.80 6.94 11.36
C PRO A 191 -4.44 8.27 10.70
N ILE A 192 -5.22 8.62 9.69
CA ILE A 192 -5.12 9.89 9.01
C ILE A 192 -6.49 10.55 9.05
N LEU A 193 -6.52 11.81 9.45
CA LEU A 193 -7.75 12.59 9.41
C LEU A 193 -7.89 13.29 8.05
N LEU A 194 -8.94 12.93 7.33
CA LEU A 194 -9.29 13.59 6.08
C LEU A 194 -10.23 14.77 6.35
N LEU A 195 -9.87 15.94 5.81
CA LEU A 195 -10.70 17.14 5.89
C LEU A 195 -11.14 17.59 4.51
N SER A 196 -12.29 18.27 4.44
CA SER A 196 -12.82 18.80 3.19
C SER A 196 -12.18 20.15 2.86
N ASP A 197 -11.65 20.27 1.64
CA ASP A 197 -10.97 21.49 1.23
C ASP A 197 -11.97 22.61 1.00
C ACT B . -5.14 -10.32 1.63
O ACT B . -5.36 -9.23 1.04
OXT ACT B . -4.46 -11.15 1.00
CH3 ACT B . -5.65 -10.59 3.01
H1 ACT B . -6.21 -9.73 3.37
H2 ACT B . -4.81 -10.78 3.68
H3 ACT B . -6.30 -11.46 2.99
C ACT C . -6.23 -9.48 7.61
O ACT C . -5.12 -8.95 7.46
OXT ACT C . -6.33 -10.28 8.55
CH3 ACT C . -7.38 -9.16 6.69
H1 ACT C . -8.26 -9.72 7.00
H2 ACT C . -7.13 -9.42 5.67
H3 ACT C . -7.61 -8.09 6.75
C ACT D . -8.87 -6.69 1.58
O ACT D . -9.91 -6.31 2.16
OXT ACT D . -8.01 -7.23 2.30
CH3 ACT D . -8.68 -6.51 0.11
H1 ACT D . -9.56 -6.02 -0.32
H2 ACT D . -8.54 -7.48 -0.36
H3 ACT D . -7.79 -5.90 -0.07
#